data_9J47
#
_entry.id   9J47
#
_cell.length_a   69.538
_cell.length_b   92.492
_cell.length_c   110.889
_cell.angle_alpha   90.000
_cell.angle_beta   90.000
_cell.angle_gamma   90.000
#
_symmetry.space_group_name_H-M   'P 21 21 21'
#
loop_
_entity.id
_entity.type
_entity.pdbx_description
1 polymer 'Iron-sulfur cluster repair protein ScdA'
2 non-polymer 'FE (III) ION'
3 non-polymer 'OXYGEN ATOM'
#
_entity_poly.entity_id   1
_entity_poly.type   'polypeptide(L)'
_entity_poly.pdbx_seq_one_letter_code
;MINKNDIVADVVTDYPKAADIFRSVGIDFAAGGQVSIEAAALEKKNVDLNELLQRLNDVEQTNTPGSLNPKFLNVSSLIQ
YIQSAYHEPLREEFKNLTPYVTKLSKVHGPNHPYLVELKETYDTFKNGMLEHMQKEDDVDFPKLIKYEQGEVVDDINTVI
DDLVSDHIATGELLVKMSELTSSYEPPIEAAGTWRLVYQRLKALEVLTHEHVHLENHVLFKKVS
;
_entity_poly.pdbx_strand_id   A,B
#
loop_
_chem_comp.id
_chem_comp.type
_chem_comp.name
_chem_comp.formula
FE non-polymer 'FE (III) ION' 'Fe 3'
O non-polymer 'OXYGEN ATOM' O
#
# COMPACT_ATOMS: atom_id res chain seq x y z
N SER A 67 -2.17 5.15 7.07
CA SER A 67 -2.16 5.05 5.61
C SER A 67 -1.00 4.17 5.12
N LEU A 68 -1.19 3.50 3.99
CA LEU A 68 -0.36 2.36 3.62
C LEU A 68 0.84 2.79 2.78
N ASN A 69 2.04 2.42 3.24
CA ASN A 69 3.27 2.85 2.60
C ASN A 69 3.65 1.87 1.50
N PRO A 70 3.72 2.29 0.24
CA PRO A 70 4.06 1.35 -0.84
C PRO A 70 5.46 0.76 -0.73
N LYS A 71 6.36 1.30 0.08
CA LYS A 71 7.69 0.68 0.17
C LYS A 71 7.64 -0.73 0.74
N PHE A 72 6.61 -1.07 1.53
CA PHE A 72 6.56 -2.42 2.09
C PHE A 72 6.07 -3.46 1.10
N LEU A 73 5.34 -3.07 0.06
CA LEU A 73 4.95 -4.04 -0.96
C LEU A 73 6.18 -4.63 -1.64
N ASN A 74 6.09 -5.90 -2.02
CA ASN A 74 7.14 -6.49 -2.83
C ASN A 74 6.78 -6.28 -4.31
N VAL A 75 7.59 -6.82 -5.23
CA VAL A 75 7.41 -6.51 -6.65
C VAL A 75 6.03 -6.95 -7.13
N SER A 76 5.62 -8.17 -6.77
CA SER A 76 4.39 -8.74 -7.32
C SER A 76 3.15 -8.09 -6.73
N SER A 77 3.20 -7.68 -5.46
CA SER A 77 2.07 -6.95 -4.90
C SER A 77 2.00 -5.55 -5.49
N LEU A 78 3.15 -4.88 -5.65
CA LEU A 78 3.16 -3.59 -6.30
C LEU A 78 2.56 -3.68 -7.71
N ILE A 79 2.86 -4.76 -8.44
CA ILE A 79 2.31 -4.93 -9.78
C ILE A 79 0.80 -5.17 -9.74
N GLN A 80 0.34 -6.07 -8.85
CA GLN A 80 -1.11 -6.26 -8.68
C GLN A 80 -1.82 -4.94 -8.36
N TYR A 81 -1.24 -4.18 -7.43
CA TYR A 81 -1.80 -2.89 -7.05
C TYR A 81 -1.91 -1.96 -8.24
N ILE A 82 -0.80 -1.80 -9.00
CA ILE A 82 -0.81 -0.92 -10.18
C ILE A 82 -1.92 -1.33 -11.12
N GLN A 83 -2.04 -2.63 -11.38
CA GLN A 83 -3.00 -3.09 -12.36
C GLN A 83 -4.42 -2.80 -11.92
N SER A 84 -4.71 -2.92 -10.61
CA SER A 84 -6.06 -2.65 -10.11
C SER A 84 -6.34 -1.16 -9.93
N ALA A 85 -5.41 -0.41 -9.35
CA ALA A 85 -5.64 1.00 -9.10
C ALA A 85 -5.46 1.87 -10.35
N TYR A 86 -4.65 1.44 -11.31
CA TYR A 86 -4.22 2.33 -12.41
C TYR A 86 -4.56 1.79 -13.80
N HIS A 87 -4.08 0.61 -14.19
CA HIS A 87 -4.26 0.15 -15.57
C HIS A 87 -5.73 -0.03 -15.95
N GLU A 88 -6.50 -0.77 -15.16
CA GLU A 88 -7.90 -1.05 -15.51
C GLU A 88 -8.82 0.17 -15.43
N PRO A 89 -8.71 1.01 -14.37
CA PRO A 89 -9.44 2.30 -14.41
C PRO A 89 -9.01 3.20 -15.56
N LEU A 90 -7.73 3.17 -15.97
CA LEU A 90 -7.28 3.94 -17.12
C LEU A 90 -7.99 3.51 -18.41
N ARG A 91 -7.99 2.19 -18.70
CA ARG A 91 -8.69 1.69 -19.87
C ARG A 91 -10.15 2.12 -19.85
N GLU A 92 -10.80 2.02 -18.67
CA GLU A 92 -12.22 2.34 -18.61
C GLU A 92 -12.48 3.83 -18.79
N GLU A 93 -11.65 4.69 -18.18
CA GLU A 93 -11.80 6.12 -18.42
C GLU A 93 -11.53 6.48 -19.89
N PHE A 94 -10.60 5.78 -20.57
CA PHE A 94 -10.37 6.09 -21.98
C PHE A 94 -11.61 5.78 -22.81
N LYS A 95 -12.17 4.58 -22.60
CA LYS A 95 -13.42 4.21 -23.28
C LYS A 95 -14.51 5.23 -23.03
N ASN A 96 -14.65 5.70 -21.80
CA ASN A 96 -15.74 6.62 -21.49
C ASN A 96 -15.48 8.02 -22.03
N LEU A 97 -14.23 8.47 -22.01
CA LEU A 97 -13.95 9.88 -22.24
C LEU A 97 -13.76 10.23 -23.71
N THR A 98 -13.19 9.31 -24.52
CA THR A 98 -12.87 9.65 -25.92
C THR A 98 -14.06 10.20 -26.72
N PRO A 99 -15.28 9.65 -26.63
CA PRO A 99 -16.41 10.28 -27.35
C PRO A 99 -16.58 11.76 -27.07
N TYR A 100 -16.35 12.18 -25.83
CA TYR A 100 -16.51 13.59 -25.48
C TYR A 100 -15.43 14.46 -26.09
N VAL A 101 -14.17 14.00 -26.04
CA VAL A 101 -13.10 14.73 -26.73
C VAL A 101 -13.42 14.87 -28.21
N THR A 102 -13.92 13.79 -28.82
CA THR A 102 -14.24 13.85 -30.24
C THR A 102 -15.36 14.85 -30.51
N LYS A 103 -16.39 14.85 -29.66
CA LYS A 103 -17.52 15.76 -29.82
C LYS A 103 -17.08 17.21 -29.66
N LEU A 104 -16.31 17.49 -28.62
CA LEU A 104 -15.78 18.83 -28.42
C LEU A 104 -15.01 19.30 -29.64
N SER A 105 -14.15 18.44 -30.19
CA SER A 105 -13.41 18.82 -31.39
C SER A 105 -14.36 19.09 -32.57
N LYS A 106 -15.29 18.18 -32.82
CA LYS A 106 -16.19 18.31 -33.95
C LYS A 106 -17.02 19.60 -33.87
N VAL A 107 -17.49 19.94 -32.67
CA VAL A 107 -18.45 21.02 -32.51
C VAL A 107 -17.75 22.38 -32.43
N HIS A 108 -16.71 22.49 -31.60
CA HIS A 108 -16.06 23.80 -31.41
C HIS A 108 -14.69 23.92 -32.07
N GLY A 109 -14.11 22.82 -32.56
CA GLY A 109 -12.86 22.88 -33.29
C GLY A 109 -12.83 23.85 -34.45
N PRO A 110 -13.90 23.95 -35.27
CA PRO A 110 -13.89 24.96 -36.34
C PRO A 110 -13.67 26.37 -35.82
N ASN A 111 -14.36 26.76 -34.75
CA ASN A 111 -14.11 28.06 -34.14
C ASN A 111 -12.72 28.12 -33.51
N HIS A 112 -12.32 27.06 -32.80
CA HIS A 112 -11.09 27.05 -32.00
C HIS A 112 -10.16 25.89 -32.41
N PRO A 113 -9.16 26.14 -33.26
CA PRO A 113 -8.36 25.05 -33.82
C PRO A 113 -7.48 24.32 -32.79
N TYR A 114 -7.11 24.98 -31.70
CA TYR A 114 -6.40 24.28 -30.62
C TYR A 114 -7.23 23.13 -30.04
N LEU A 115 -8.56 23.13 -30.17
CA LEU A 115 -9.31 21.97 -29.68
C LEU A 115 -9.14 20.76 -30.63
N VAL A 116 -8.90 21.00 -31.92
CA VAL A 116 -8.58 19.89 -32.81
C VAL A 116 -7.20 19.35 -32.50
N GLU A 117 -6.24 20.25 -32.27
CA GLU A 117 -4.92 19.80 -31.82
C GLU A 117 -5.05 19.01 -30.52
N LEU A 118 -5.97 19.41 -29.64
CA LEU A 118 -6.19 18.69 -28.39
C LEU A 118 -6.72 17.29 -28.66
N LYS A 119 -7.69 17.15 -29.58
CA LYS A 119 -8.15 15.81 -29.91
C LYS A 119 -7.00 14.93 -30.39
N GLU A 120 -6.14 15.45 -31.27
CA GLU A 120 -5.08 14.59 -31.80
C GLU A 120 -4.01 14.29 -30.76
N THR A 121 -3.68 15.26 -29.91
CA THR A 121 -2.74 15.00 -28.83
C THR A 121 -3.34 14.01 -27.84
N TYR A 122 -4.63 14.13 -27.55
CA TYR A 122 -5.25 13.19 -26.63
C TYR A 122 -5.25 11.79 -27.23
N ASP A 123 -5.58 11.66 -28.52
CA ASP A 123 -5.58 10.35 -29.16
C ASP A 123 -4.19 9.71 -29.14
N THR A 124 -3.16 10.49 -29.45
CA THR A 124 -1.80 9.96 -29.39
C THR A 124 -1.44 9.53 -27.98
N PHE A 125 -1.78 10.37 -26.99
CA PHE A 125 -1.57 10.03 -25.59
C PHE A 125 -2.26 8.73 -25.23
N LYS A 126 -3.51 8.57 -25.66
CA LYS A 126 -4.30 7.40 -25.29
C LYS A 126 -3.74 6.14 -25.94
N ASN A 127 -3.43 6.20 -27.24
CA ASN A 127 -2.92 5.02 -27.93
C ASN A 127 -1.56 4.61 -27.39
N GLY A 128 -0.72 5.60 -27.06
CA GLY A 128 0.54 5.28 -26.41
C GLY A 128 0.36 4.60 -25.07
N MET A 129 -0.54 5.14 -24.24
CA MET A 129 -0.72 4.54 -22.92
C MET A 129 -1.27 3.13 -23.03
N LEU A 130 -2.25 2.91 -23.91
CA LEU A 130 -2.81 1.57 -24.04
C LEU A 130 -1.77 0.57 -24.53
N GLU A 131 -0.96 0.95 -25.54
CA GLU A 131 0.08 0.02 -25.98
C GLU A 131 1.11 -0.23 -24.87
N HIS A 132 1.42 0.82 -24.10
CA HIS A 132 2.39 0.71 -23.02
C HIS A 132 1.89 -0.18 -21.88
N MET A 133 0.61 -0.05 -21.50
CA MET A 133 0.07 -0.90 -20.45
C MET A 133 -0.08 -2.33 -20.92
N GLN A 134 -0.35 -2.55 -22.21
CA GLN A 134 -0.41 -3.93 -22.69
C GLN A 134 0.98 -4.56 -22.70
N LYS A 135 2.01 -3.79 -23.06
CA LYS A 135 3.37 -4.30 -22.96
C LYS A 135 3.73 -4.63 -21.52
N GLU A 136 3.37 -3.74 -20.58
CA GLU A 136 3.70 -4.00 -19.18
C GLU A 136 2.98 -5.24 -18.67
N ASP A 137 1.66 -5.33 -18.92
CA ASP A 137 0.86 -6.44 -18.42
C ASP A 137 1.28 -7.77 -19.03
N ASP A 138 1.60 -7.78 -20.32
CA ASP A 138 1.78 -9.06 -21.02
C ASP A 138 3.23 -9.56 -21.02
N VAL A 139 4.23 -8.68 -21.08
CA VAL A 139 5.61 -9.08 -21.28
C VAL A 139 6.50 -8.65 -20.12
N ASP A 140 6.42 -7.37 -19.72
CA ASP A 140 7.47 -6.76 -18.90
C ASP A 140 7.22 -6.87 -17.39
N PHE A 141 6.01 -6.64 -16.90
CA PHE A 141 5.74 -6.92 -15.50
C PHE A 141 6.01 -8.38 -15.14
N PRO A 142 5.59 -9.38 -15.92
CA PRO A 142 6.03 -10.75 -15.63
C PRO A 142 7.55 -10.91 -15.61
N LYS A 143 8.29 -10.16 -16.43
CA LYS A 143 9.76 -10.26 -16.36
C LYS A 143 10.28 -9.71 -15.03
N LEU A 144 9.71 -8.61 -14.54
CA LEU A 144 10.14 -8.11 -13.24
C LEU A 144 9.85 -9.12 -12.13
N ILE A 145 8.70 -9.79 -12.21
CA ILE A 145 8.35 -10.81 -11.22
C ILE A 145 9.34 -11.98 -11.27
N LYS A 146 9.63 -12.48 -12.48
CA LYS A 146 10.63 -13.54 -12.62
C LYS A 146 11.98 -13.12 -12.06
N TYR A 147 12.39 -11.88 -12.30
CA TYR A 147 13.67 -11.41 -11.78
C TYR A 147 13.67 -11.37 -10.26
N GLU A 148 12.57 -10.93 -9.66
CA GLU A 148 12.45 -10.88 -8.21
C GLU A 148 12.50 -12.27 -7.57
N GLN A 149 12.07 -13.30 -8.28
CA GLN A 149 12.07 -14.67 -7.79
C GLN A 149 13.39 -15.39 -7.96
N GLY A 150 14.37 -14.78 -8.62
CA GLY A 150 15.69 -15.36 -8.75
C GLY A 150 16.02 -15.96 -10.10
N GLU A 151 15.12 -15.86 -11.08
CA GLU A 151 15.41 -16.39 -12.41
C GLU A 151 16.29 -15.41 -13.18
N VAL A 152 17.01 -15.93 -14.17
CA VAL A 152 17.90 -15.09 -14.95
C VAL A 152 17.05 -14.29 -15.92
N VAL A 153 17.18 -12.97 -15.87
CA VAL A 153 16.50 -12.10 -16.80
C VAL A 153 17.55 -11.15 -17.37
N ASP A 154 18.03 -11.44 -18.57
CA ASP A 154 18.64 -10.43 -19.40
C ASP A 154 17.56 -9.52 -19.96
N ASP A 155 17.98 -8.40 -20.54
CA ASP A 155 17.06 -7.36 -20.98
C ASP A 155 16.32 -6.72 -19.81
N ILE A 156 16.75 -6.95 -18.57
CA ILE A 156 16.05 -6.37 -17.43
C ILE A 156 16.24 -4.85 -17.41
N ASN A 157 17.46 -4.39 -17.68
CA ASN A 157 17.73 -2.96 -17.80
C ASN A 157 17.28 -2.43 -19.15
N THR A 158 17.31 -3.27 -20.19
CA THR A 158 16.63 -2.92 -21.43
C THR A 158 15.14 -2.67 -21.19
N VAL A 159 14.49 -3.57 -20.44
CA VAL A 159 13.07 -3.43 -20.14
C VAL A 159 12.81 -2.17 -19.34
N ILE A 160 13.62 -1.93 -18.31
CA ILE A 160 13.41 -0.76 -17.47
C ILE A 160 13.62 0.51 -18.28
N ASP A 161 14.65 0.53 -19.13
CA ASP A 161 14.93 1.73 -19.91
C ASP A 161 13.84 2.00 -20.93
N ASP A 162 13.30 0.96 -21.58
CA ASP A 162 12.20 1.24 -22.50
C ASP A 162 10.96 1.74 -21.76
N LEU A 163 10.68 1.20 -20.56
CA LEU A 163 9.50 1.68 -19.84
C LEU A 163 9.69 3.11 -19.36
N VAL A 164 10.90 3.46 -18.92
CA VAL A 164 11.18 4.85 -18.54
C VAL A 164 11.03 5.77 -19.75
N SER A 165 11.54 5.34 -20.92
CA SER A 165 11.39 6.16 -22.14
C SER A 165 9.91 6.40 -22.46
N ASP A 166 9.10 5.33 -22.33
CA ASP A 166 7.67 5.46 -22.58
C ASP A 166 7.05 6.48 -21.63
N HIS A 167 7.39 6.39 -20.33
CA HIS A 167 6.87 7.34 -19.34
C HIS A 167 7.25 8.78 -19.70
N ILE A 168 8.51 9.00 -20.08
CA ILE A 168 8.93 10.36 -20.41
C ILE A 168 8.12 10.91 -21.57
N ALA A 169 7.87 10.07 -22.58
CA ALA A 169 7.03 10.47 -23.71
C ALA A 169 5.62 10.81 -23.28
N THR A 170 5.01 9.94 -22.46
CA THR A 170 3.66 10.21 -21.95
C THR A 170 3.62 11.52 -21.15
N GLY A 171 4.64 11.76 -20.32
CA GLY A 171 4.67 13.00 -19.56
C GLY A 171 4.71 14.24 -20.44
N GLU A 172 5.52 14.21 -21.50
CA GLU A 172 5.56 15.38 -22.39
C GLU A 172 4.24 15.56 -23.14
N LEU A 173 3.52 14.47 -23.44
CA LEU A 173 2.19 14.67 -24.02
C LEU A 173 1.22 15.33 -23.04
N LEU A 174 1.30 14.95 -21.75
CA LEU A 174 0.48 15.62 -20.73
C LEU A 174 0.82 17.10 -20.63
N VAL A 175 2.11 17.44 -20.59
CA VAL A 175 2.54 18.83 -20.63
C VAL A 175 1.89 19.55 -21.83
N LYS A 176 1.92 18.92 -23.01
CA LYS A 176 1.36 19.57 -24.19
C LYS A 176 -0.15 19.76 -24.07
N MET A 177 -0.88 18.73 -23.65
CA MET A 177 -2.33 18.87 -23.48
C MET A 177 -2.67 20.00 -22.52
N SER A 178 -1.93 20.08 -21.41
CA SER A 178 -2.19 21.12 -20.43
C SER A 178 -1.88 22.50 -21.02
N GLU A 179 -0.79 22.62 -21.78
CA GLU A 179 -0.48 23.86 -22.47
C GLU A 179 -1.59 24.25 -23.44
N LEU A 180 -2.08 23.28 -24.22
CA LEU A 180 -3.13 23.54 -25.20
C LEU A 180 -4.38 24.11 -24.56
N THR A 181 -4.71 23.63 -23.36
CA THR A 181 -5.94 24.06 -22.69
C THR A 181 -5.75 25.22 -21.70
N SER A 182 -4.56 25.86 -21.69
CA SER A 182 -4.22 26.93 -20.72
C SER A 182 -4.38 26.43 -19.27
N SER A 183 -3.45 25.56 -18.90
CA SER A 183 -3.70 24.55 -17.86
C SER A 183 -5.06 23.96 -18.20
N TYR A 184 -5.98 23.80 -17.26
CA TYR A 184 -7.24 23.32 -17.80
C TYR A 184 -8.31 24.36 -17.51
N GLU A 185 -8.08 25.57 -18.03
CA GLU A 185 -8.99 26.68 -17.79
C GLU A 185 -9.85 26.92 -19.02
N PRO A 186 -11.16 26.66 -18.94
CA PRO A 186 -12.02 26.85 -20.12
C PRO A 186 -12.42 28.31 -20.26
N PRO A 187 -12.48 28.81 -21.49
CA PRO A 187 -12.99 30.18 -21.71
C PRO A 187 -14.43 30.32 -21.24
N ILE A 188 -14.89 31.57 -21.14
CA ILE A 188 -16.26 31.82 -20.70
C ILE A 188 -17.25 31.36 -21.77
N GLU A 189 -16.80 31.30 -23.03
CA GLU A 189 -17.58 30.72 -24.13
C GLU A 189 -17.94 29.25 -23.89
N ALA A 190 -17.24 28.57 -23.00
CA ALA A 190 -17.40 27.13 -22.83
C ALA A 190 -18.63 26.78 -22.01
N ALA A 191 -19.26 25.66 -22.37
CA ALA A 191 -20.44 25.17 -21.68
C ALA A 191 -20.49 23.66 -21.80
N GLY A 192 -20.78 23.00 -20.69
CA GLY A 192 -21.17 21.59 -20.68
C GLY A 192 -20.12 20.59 -21.08
N THR A 193 -20.15 20.14 -22.33
CA THR A 193 -19.20 19.12 -22.78
C THR A 193 -17.77 19.65 -22.65
N TRP A 194 -17.57 20.94 -22.95
CA TRP A 194 -16.24 21.55 -22.89
C TRP A 194 -15.67 21.51 -21.47
N ARG A 195 -16.47 21.94 -20.48
CA ARG A 195 -15.99 21.94 -19.11
C ARG A 195 -15.81 20.52 -18.58
N LEU A 196 -16.69 19.59 -18.99
CA LEU A 196 -16.52 18.20 -18.62
C LEU A 196 -15.18 17.65 -19.10
N VAL A 197 -14.88 17.86 -20.38
CA VAL A 197 -13.62 17.36 -20.94
C VAL A 197 -12.44 17.94 -20.18
N TYR A 198 -12.46 19.25 -19.88
CA TYR A 198 -11.33 19.84 -19.17
C TYR A 198 -11.14 19.22 -17.78
N GLN A 199 -12.24 19.06 -17.02
CA GLN A 199 -12.09 18.48 -15.68
C GLN A 199 -11.58 17.04 -15.75
N ARG A 200 -12.15 16.24 -16.66
CA ARG A 200 -11.72 14.85 -16.77
C ARG A 200 -10.26 14.75 -17.23
N LEU A 201 -9.83 15.61 -18.16
CA LEU A 201 -8.42 15.57 -18.60
C LEU A 201 -7.48 15.95 -17.46
N LYS A 202 -7.86 16.95 -16.65
CA LYS A 202 -7.03 17.30 -15.49
C LYS A 202 -6.95 16.14 -14.50
N ALA A 203 -8.08 15.46 -14.25
CA ALA A 203 -8.06 14.30 -13.34
C ALA A 203 -7.24 13.15 -13.91
N LEU A 204 -7.30 12.96 -15.23
CA LEU A 204 -6.52 11.91 -15.86
C LEU A 204 -5.03 12.22 -15.75
N GLU A 205 -4.69 13.51 -15.78
CA GLU A 205 -3.29 13.90 -15.63
C GLU A 205 -2.79 13.64 -14.21
N VAL A 206 -3.58 14.03 -13.20
CA VAL A 206 -3.21 13.73 -11.81
C VAL A 206 -3.01 12.24 -11.60
N LEU A 207 -3.99 11.44 -12.03
CA LEU A 207 -3.89 9.99 -11.88
C LEU A 207 -2.66 9.43 -12.58
N THR A 208 -2.39 9.88 -13.83
CA THR A 208 -1.24 9.37 -14.58
C THR A 208 0.07 9.74 -13.89
N HIS A 209 0.17 10.96 -13.35
CA HIS A 209 1.37 11.35 -12.61
C HIS A 209 1.60 10.43 -11.41
N GLU A 210 0.55 10.15 -10.62
CA GLU A 210 0.72 9.24 -9.47
C GLU A 210 1.15 7.86 -9.95
N HIS A 211 0.48 7.35 -10.98
CA HIS A 211 0.74 6.04 -11.56
C HIS A 211 2.20 5.88 -12.00
N VAL A 212 2.68 6.77 -12.88
CA VAL A 212 4.06 6.59 -13.36
C VAL A 212 5.07 6.94 -12.26
N HIS A 213 4.72 7.80 -11.31
CA HIS A 213 5.64 8.01 -10.20
C HIS A 213 5.79 6.73 -9.37
N LEU A 214 4.69 6.04 -9.10
CA LEU A 214 4.77 4.77 -8.40
C LEU A 214 5.68 3.79 -9.15
N GLU A 215 5.53 3.71 -10.47
CA GLU A 215 6.34 2.75 -11.20
C GLU A 215 7.81 3.15 -11.23
N ASN A 216 8.10 4.43 -11.50
CA ASN A 216 9.48 4.86 -11.71
C ASN A 216 10.27 4.84 -10.40
N HIS A 217 9.67 5.31 -9.31
CA HIS A 217 10.45 5.54 -8.10
C HIS A 217 10.25 4.47 -7.03
N VAL A 218 9.27 3.57 -7.17
CA VAL A 218 9.14 2.43 -6.27
C VAL A 218 9.38 1.11 -7.00
N LEU A 219 8.56 0.80 -8.00
CA LEU A 219 8.62 -0.53 -8.61
C LEU A 219 9.96 -0.75 -9.32
N PHE A 220 10.42 0.23 -10.10
CA PHE A 220 11.66 0.01 -10.85
C PHE A 220 12.88 0.03 -9.94
N LYS A 221 12.84 0.80 -8.85
CA LYS A 221 13.96 0.83 -7.91
C LYS A 221 14.11 -0.49 -7.14
N LYS A 222 13.03 -1.25 -6.97
CA LYS A 222 13.11 -2.54 -6.29
C LYS A 222 13.81 -3.61 -7.13
N VAL A 223 13.94 -3.40 -8.44
CA VAL A 223 14.55 -4.41 -9.32
C VAL A 223 15.85 -3.93 -9.95
N SER A 224 16.25 -2.69 -9.73
CA SER A 224 17.49 -2.16 -10.28
C SER A 224 18.60 -2.20 -9.23
N SER B 67 0.44 7.22 -0.98
CA SER B 67 -0.08 6.24 -0.03
C SER B 67 -1.19 5.36 -0.63
N LEU B 68 -1.12 4.05 -0.34
CA LEU B 68 -2.00 3.08 -0.96
C LEU B 68 -3.43 3.19 -0.46
N ASN B 69 -4.36 2.86 -1.35
CA ASN B 69 -5.75 2.66 -1.01
C ASN B 69 -5.99 1.17 -0.91
N PRO B 70 -6.32 0.62 0.27
CA PRO B 70 -6.36 -0.84 0.43
C PRO B 70 -7.41 -1.53 -0.40
N LYS B 71 -8.45 -0.84 -0.85
CA LYS B 71 -9.45 -1.50 -1.66
C LYS B 71 -8.93 -1.92 -3.04
N PHE B 72 -7.69 -1.56 -3.42
CA PHE B 72 -7.11 -2.10 -4.64
C PHE B 72 -6.09 -3.20 -4.38
N LEU B 73 -5.73 -3.45 -3.11
CA LEU B 73 -4.95 -4.63 -2.77
C LEU B 73 -5.90 -5.83 -2.66
N ASN B 74 -5.58 -6.92 -3.35
CA ASN B 74 -6.34 -8.12 -3.09
C ASN B 74 -5.86 -8.75 -1.77
N VAL B 75 -6.44 -9.91 -1.43
CA VAL B 75 -6.14 -10.54 -0.14
C VAL B 75 -4.66 -10.92 -0.06
N SER B 76 -4.15 -11.54 -1.11
CA SER B 76 -2.75 -11.96 -1.14
C SER B 76 -1.80 -10.79 -0.91
N SER B 77 -2.03 -9.68 -1.62
CA SER B 77 -1.13 -8.54 -1.51
C SER B 77 -1.24 -7.85 -0.15
N LEU B 78 -2.47 -7.73 0.37
CA LEU B 78 -2.63 -7.13 1.69
C LEU B 78 -1.95 -7.97 2.78
N ILE B 79 -2.03 -9.29 2.65
CA ILE B 79 -1.30 -10.18 3.57
C ILE B 79 0.20 -9.94 3.46
N GLN B 80 0.74 -9.89 2.22
CA GLN B 80 2.17 -9.61 2.05
C GLN B 80 2.53 -8.29 2.70
N TYR B 81 1.69 -7.27 2.50
CA TYR B 81 1.92 -5.97 3.11
C TYR B 81 2.04 -6.09 4.62
N ILE B 82 1.03 -6.72 5.27
CA ILE B 82 1.02 -6.88 6.72
C ILE B 82 2.28 -7.61 7.18
N GLN B 83 2.71 -8.61 6.41
CA GLN B 83 3.88 -9.37 6.83
C GLN B 83 5.15 -8.52 6.78
N SER B 84 5.26 -7.62 5.80
CA SER B 84 6.45 -6.79 5.71
C SER B 84 6.40 -5.60 6.65
N ALA B 85 5.21 -5.03 6.87
CA ALA B 85 5.08 -3.80 7.64
C ALA B 85 4.89 -4.05 9.13
N TYR B 86 4.30 -5.18 9.53
CA TYR B 86 4.03 -5.42 10.94
C TYR B 86 4.71 -6.67 11.48
N HIS B 87 4.52 -7.85 10.87
CA HIS B 87 5.03 -9.09 11.46
C HIS B 87 6.55 -9.09 11.61
N GLU B 88 7.28 -8.97 10.49
CA GLU B 88 8.73 -9.00 10.54
C GLU B 88 9.34 -7.87 11.38
N PRO B 89 8.88 -6.61 11.29
CA PRO B 89 9.39 -5.59 12.22
C PRO B 89 9.06 -5.91 13.68
N LEU B 90 7.89 -6.51 13.94
CA LEU B 90 7.55 -6.82 15.32
C LEU B 90 8.45 -7.91 15.90
N ARG B 91 8.76 -8.95 15.11
CA ARG B 91 9.72 -9.96 15.58
C ARG B 91 11.07 -9.32 15.87
N GLU B 92 11.54 -8.46 14.97
CA GLU B 92 12.83 -7.80 15.21
C GLU B 92 12.80 -6.99 16.50
N GLU B 93 11.71 -6.24 16.71
CA GLU B 93 11.64 -5.39 17.88
C GLU B 93 11.55 -6.22 19.17
N PHE B 94 10.87 -7.38 19.13
CA PHE B 94 10.86 -8.24 20.32
C PHE B 94 12.26 -8.74 20.65
N LYS B 95 13.01 -9.12 19.62
CA LYS B 95 14.39 -9.56 19.82
C LYS B 95 15.22 -8.46 20.47
N ASN B 96 15.04 -7.22 20.00
CA ASN B 96 15.90 -6.14 20.49
C ASN B 96 15.46 -5.60 21.85
N LEU B 97 14.16 -5.61 22.13
CA LEU B 97 13.63 -4.94 23.32
C LEU B 97 13.65 -5.85 24.55
N THR B 98 13.42 -7.16 24.41
CA THR B 98 13.38 -8.05 25.57
C THR B 98 14.56 -7.90 26.52
N PRO B 99 15.82 -7.87 26.08
CA PRO B 99 16.91 -7.69 27.05
C PRO B 99 16.72 -6.47 27.94
N TYR B 100 16.17 -5.37 27.40
CA TYR B 100 16.02 -4.16 28.21
C TYR B 100 14.92 -4.34 29.26
N VAL B 101 13.82 -5.02 28.90
CA VAL B 101 12.77 -5.29 29.87
C VAL B 101 13.30 -6.17 31.00
N THR B 102 14.07 -7.20 30.64
CA THR B 102 14.61 -8.10 31.64
C THR B 102 15.59 -7.37 32.55
N LYS B 103 16.40 -6.48 31.99
CA LYS B 103 17.33 -5.72 32.85
C LYS B 103 16.56 -4.76 33.77
N LEU B 104 15.52 -4.08 33.26
CA LEU B 104 14.77 -3.18 34.11
C LEU B 104 14.15 -3.93 35.30
N SER B 105 13.53 -5.08 35.04
CA SER B 105 12.93 -5.84 36.14
C SER B 105 14.00 -6.40 37.08
N LYS B 106 15.20 -6.73 36.58
CA LYS B 106 16.21 -7.33 37.46
C LYS B 106 16.86 -6.28 38.36
N VAL B 107 17.10 -5.07 37.83
CA VAL B 107 17.78 -4.03 38.60
C VAL B 107 16.81 -3.31 39.53
N HIS B 108 15.60 -2.99 39.05
CA HIS B 108 14.70 -2.14 39.80
C HIS B 108 13.45 -2.87 40.26
N GLY B 109 13.20 -4.07 39.76
CA GLY B 109 12.12 -4.92 40.20
C GLY B 109 12.03 -5.13 41.69
N PRO B 110 13.12 -5.54 42.35
CA PRO B 110 13.05 -5.80 43.80
C PRO B 110 12.37 -4.70 44.60
N ASN B 111 12.76 -3.45 44.42
CA ASN B 111 12.10 -2.35 45.12
C ASN B 111 10.88 -1.81 44.40
N HIS B 112 10.55 -2.32 43.21
CA HIS B 112 9.42 -1.84 42.42
C HIS B 112 8.74 -3.03 41.79
N PRO B 113 7.89 -3.74 42.54
CA PRO B 113 7.41 -5.04 42.07
C PRO B 113 6.54 -4.97 40.83
N TYR B 114 5.90 -3.82 40.61
CA TYR B 114 5.13 -3.67 39.38
C TYR B 114 6.02 -3.77 38.15
N LEU B 115 7.33 -3.53 38.27
CA LEU B 115 8.23 -3.78 37.14
C LEU B 115 8.36 -5.28 36.87
N VAL B 116 8.34 -6.12 37.92
CA VAL B 116 8.37 -7.57 37.73
C VAL B 116 7.08 -8.06 37.07
N GLU B 117 5.95 -7.58 37.57
CA GLU B 117 4.69 -7.85 36.90
C GLU B 117 4.73 -7.37 35.43
N LEU B 118 5.33 -6.20 35.17
CA LEU B 118 5.45 -5.71 33.80
C LEU B 118 6.27 -6.67 32.95
N LYS B 119 7.41 -7.14 33.49
CA LYS B 119 8.21 -8.09 32.74
C LYS B 119 7.40 -9.35 32.40
N GLU B 120 6.67 -9.89 33.37
CA GLU B 120 5.90 -11.11 33.12
C GLU B 120 4.73 -10.87 32.17
N THR B 121 4.11 -9.69 32.23
CA THR B 121 3.02 -9.37 31.31
C THR B 121 3.55 -9.17 29.91
N TYR B 122 4.65 -8.43 29.79
CA TYR B 122 5.30 -8.24 28.49
C TYR B 122 5.67 -9.58 27.89
N ASP B 123 6.31 -10.46 28.68
CA ASP B 123 6.68 -11.78 28.16
C ASP B 123 5.47 -12.53 27.66
N THR B 124 4.37 -12.52 28.41
CA THR B 124 3.17 -13.23 27.97
C THR B 124 2.62 -12.62 26.70
N PHE B 125 2.50 -11.29 26.67
CA PHE B 125 2.05 -10.60 25.47
C PHE B 125 2.92 -10.95 24.28
N LYS B 126 4.24 -11.01 24.48
CA LYS B 126 5.19 -11.19 23.39
C LYS B 126 5.15 -12.61 22.85
N ASN B 127 5.10 -13.61 23.74
CA ASN B 127 5.02 -14.98 23.28
C ASN B 127 3.68 -15.25 22.59
N GLY B 128 2.60 -14.65 23.10
CA GLY B 128 1.31 -14.82 22.45
C GLY B 128 1.31 -14.20 21.07
N MET B 129 1.93 -13.03 20.93
CA MET B 129 2.07 -12.41 19.61
C MET B 129 2.89 -13.28 18.65
N LEU B 130 4.03 -13.78 19.11
CA LEU B 130 4.87 -14.60 18.23
C LEU B 130 4.12 -15.86 17.78
N GLU B 131 3.47 -16.57 18.72
CA GLU B 131 2.74 -17.79 18.35
C GLU B 131 1.56 -17.44 17.42
N HIS B 132 0.86 -16.34 17.68
CA HIS B 132 -0.24 -15.86 16.84
C HIS B 132 0.22 -15.50 15.41
N MET B 133 1.32 -14.76 15.28
CA MET B 133 1.82 -14.44 13.94
C MET B 133 2.32 -15.68 13.22
N GLN B 134 2.89 -16.65 13.94
CA GLN B 134 3.27 -17.88 13.29
C GLN B 134 2.05 -18.60 12.73
N LYS B 135 0.97 -18.63 13.52
CA LYS B 135 -0.25 -19.28 13.08
C LYS B 135 -0.82 -18.61 11.83
N GLU B 136 -0.84 -17.28 11.81
CA GLU B 136 -1.33 -16.57 10.62
C GLU B 136 -0.44 -16.83 9.40
N ASP B 137 0.89 -16.69 9.54
CA ASP B 137 1.77 -16.87 8.39
C ASP B 137 1.76 -18.30 7.86
N ASP B 138 1.73 -19.30 8.75
CA ASP B 138 1.93 -20.66 8.26
C ASP B 138 0.63 -21.36 7.90
N VAL B 139 -0.44 -21.14 8.67
CA VAL B 139 -1.69 -21.88 8.51
C VAL B 139 -2.82 -20.97 7.99
N ASP B 140 -3.11 -19.86 8.70
CA ASP B 140 -4.40 -19.19 8.50
C ASP B 140 -4.42 -18.17 7.35
N PHE B 141 -3.39 -17.34 7.19
CA PHE B 141 -3.39 -16.46 6.03
C PHE B 141 -3.43 -17.22 4.70
N PRO B 142 -2.70 -18.34 4.53
CA PRO B 142 -2.86 -19.11 3.28
C PRO B 142 -4.29 -19.55 3.04
N LYS B 143 -5.03 -19.86 4.11
CA LYS B 143 -6.43 -20.24 3.95
C LYS B 143 -7.27 -19.06 3.49
N LEU B 144 -6.97 -17.85 4.00
CA LEU B 144 -7.69 -16.67 3.51
C LEU B 144 -7.44 -16.47 2.02
N ILE B 145 -6.20 -16.67 1.59
CA ILE B 145 -5.86 -16.53 0.17
C ILE B 145 -6.60 -17.57 -0.67
N LYS B 146 -6.61 -18.84 -0.21
CA LYS B 146 -7.33 -19.89 -0.92
C LYS B 146 -8.82 -19.58 -1.03
N TYR B 147 -9.43 -19.07 0.05
CA TYR B 147 -10.84 -18.70 0.00
C TYR B 147 -11.08 -17.57 -0.99
N GLU B 148 -10.18 -16.56 -1.05
CA GLU B 148 -10.26 -15.53 -2.08
C GLU B 148 -10.26 -16.17 -3.46
N GLN B 149 -9.43 -17.20 -3.67
CA GLN B 149 -9.23 -17.82 -4.97
C GLN B 149 -10.24 -18.93 -5.28
N GLY B 150 -11.34 -19.02 -4.54
CA GLY B 150 -12.43 -19.91 -4.86
C GLY B 150 -12.34 -21.32 -4.31
N GLU B 151 -11.16 -21.79 -3.92
CA GLU B 151 -11.02 -23.14 -3.38
C GLU B 151 -11.89 -23.30 -2.12
N VAL B 152 -12.22 -24.55 -1.79
CA VAL B 152 -13.11 -24.80 -0.66
C VAL B 152 -12.32 -24.65 0.62
N VAL B 153 -12.82 -23.80 1.52
CA VAL B 153 -12.22 -23.60 2.84
C VAL B 153 -13.36 -23.57 3.84
N ASP B 154 -13.87 -24.73 4.21
CA ASP B 154 -15.11 -24.75 4.96
C ASP B 154 -14.94 -24.41 6.44
N ASP B 155 -13.77 -23.94 6.87
CA ASP B 155 -13.56 -23.50 8.24
C ASP B 155 -13.22 -22.00 8.33
N ILE B 156 -13.52 -21.23 7.29
CA ILE B 156 -13.04 -19.84 7.19
C ILE B 156 -13.53 -19.01 8.39
N ASN B 157 -14.80 -19.18 8.76
CA ASN B 157 -15.35 -18.40 9.85
C ASN B 157 -14.73 -18.78 11.19
N THR B 158 -14.52 -20.09 11.43
CA THR B 158 -13.76 -20.55 12.60
C THR B 158 -12.39 -19.87 12.68
N VAL B 159 -11.68 -19.85 11.55
CA VAL B 159 -10.36 -19.24 11.47
C VAL B 159 -10.43 -17.78 11.88
N ILE B 160 -11.33 -17.02 11.24
CA ILE B 160 -11.44 -15.60 11.55
C ILE B 160 -11.83 -15.38 13.01
N ASP B 161 -12.74 -16.22 13.55
CA ASP B 161 -13.12 -16.06 14.95
C ASP B 161 -11.96 -16.28 15.90
N ASP B 162 -11.15 -17.32 15.66
CA ASP B 162 -10.01 -17.49 16.54
C ASP B 162 -9.00 -16.36 16.40
N LEU B 163 -8.84 -15.81 15.19
CA LEU B 163 -7.89 -14.70 15.03
C LEU B 163 -8.39 -13.46 15.78
N VAL B 164 -9.68 -13.14 15.65
CA VAL B 164 -10.30 -12.05 16.38
C VAL B 164 -10.15 -12.23 17.90
N SER B 165 -10.42 -13.45 18.41
CA SER B 165 -10.27 -13.71 19.84
C SER B 165 -8.83 -13.51 20.30
N ASP B 166 -7.86 -13.94 19.47
CA ASP B 166 -6.44 -13.70 19.79
C ASP B 166 -6.16 -12.21 19.91
N HIS B 167 -6.64 -11.42 18.94
CA HIS B 167 -6.43 -9.97 18.98
C HIS B 167 -7.06 -9.34 20.21
N ILE B 168 -8.26 -9.79 20.59
CA ILE B 168 -8.85 -9.30 21.82
C ILE B 168 -7.92 -9.56 23.00
N ALA B 169 -7.39 -10.78 23.09
CA ALA B 169 -6.58 -11.12 24.26
C ALA B 169 -5.34 -10.26 24.32
N THR B 170 -4.68 -10.09 23.16
CA THR B 170 -3.53 -9.20 23.06
C THR B 170 -3.87 -7.78 23.47
N GLY B 171 -5.01 -7.26 22.99
CA GLY B 171 -5.41 -5.92 23.34
C GLY B 171 -5.53 -5.75 24.84
N GLU B 172 -6.12 -6.76 25.52
CA GLU B 172 -6.25 -6.67 26.97
C GLU B 172 -4.89 -6.79 27.67
N LEU B 173 -3.95 -7.57 27.12
CA LEU B 173 -2.61 -7.53 27.70
C LEU B 173 -1.98 -6.15 27.56
N LEU B 174 -2.27 -5.47 26.44
CA LEU B 174 -1.75 -4.11 26.26
C LEU B 174 -2.38 -3.14 27.26
N VAL B 175 -3.70 -3.22 27.49
CA VAL B 175 -4.26 -2.27 28.44
C VAL B 175 -3.66 -2.53 29.84
N LYS B 176 -3.41 -3.79 30.17
CA LYS B 176 -2.73 -4.09 31.44
C LYS B 176 -1.34 -3.45 31.50
N MET B 177 -0.51 -3.68 30.47
CA MET B 177 0.82 -3.06 30.45
C MET B 177 0.75 -1.54 30.54
N SER B 178 -0.28 -0.94 29.96
CA SER B 178 -0.41 0.51 30.07
C SER B 178 -0.81 0.93 31.47
N GLU B 179 -1.69 0.17 32.11
CA GLU B 179 -2.08 0.48 33.48
C GLU B 179 -0.89 0.38 34.42
N LEU B 180 -0.07 -0.66 34.27
CA LEU B 180 1.09 -0.82 35.14
C LEU B 180 2.08 0.34 35.04
N THR B 181 2.18 0.98 33.87
CA THR B 181 3.16 2.02 33.64
C THR B 181 2.55 3.42 33.67
N SER B 182 1.29 3.55 34.09
CA SER B 182 0.59 4.83 34.08
C SER B 182 0.61 5.44 32.68
N SER B 183 0.30 4.64 31.68
CA SER B 183 0.35 5.06 30.26
C SER B 183 1.77 5.42 29.85
N TYR B 184 2.74 4.64 30.33
CA TYR B 184 4.10 4.67 29.81
C TYR B 184 4.78 6.00 30.04
N GLU B 185 4.45 6.66 31.16
CA GLU B 185 5.18 7.86 31.55
C GLU B 185 6.07 7.51 32.74
N PRO B 186 7.39 7.65 32.58
CA PRO B 186 8.30 7.20 33.63
C PRO B 186 8.20 8.10 34.84
N PRO B 187 8.43 7.57 36.04
CA PRO B 187 8.62 8.46 37.19
C PRO B 187 9.85 9.34 36.99
N ILE B 188 9.91 10.39 37.79
CA ILE B 188 10.99 11.38 37.66
C ILE B 188 12.34 10.71 37.87
N GLU B 189 12.41 9.91 38.94
CA GLU B 189 13.56 9.13 39.38
C GLU B 189 13.98 8.04 38.39
N ALA B 190 13.20 7.79 37.35
CA ALA B 190 13.67 6.90 36.30
C ALA B 190 14.67 7.63 35.42
N ALA B 191 15.60 6.86 34.84
CA ALA B 191 16.58 7.34 33.87
C ALA B 191 17.02 6.17 33.00
N GLY B 192 17.71 6.49 31.89
CA GLY B 192 18.30 5.49 31.03
C GLY B 192 17.42 4.33 30.56
N THR B 193 17.74 3.11 31.01
CA THR B 193 17.02 1.92 30.57
C THR B 193 15.52 2.01 30.87
N TRP B 194 15.16 2.50 32.06
CA TRP B 194 13.75 2.61 32.43
C TRP B 194 12.97 3.45 31.43
N ARG B 195 13.48 4.64 31.10
CA ARG B 195 12.82 5.52 30.14
C ARG B 195 12.82 4.92 28.74
N LEU B 196 13.90 4.25 28.36
CA LEU B 196 13.94 3.56 27.06
C LEU B 196 12.80 2.54 26.95
N VAL B 197 12.61 1.73 27.99
CA VAL B 197 11.59 0.68 27.91
C VAL B 197 10.20 1.28 27.72
N TYR B 198 9.88 2.34 28.47
CA TYR B 198 8.57 2.95 28.35
C TYR B 198 8.33 3.55 26.97
N GLN B 199 9.35 4.20 26.38
CA GLN B 199 9.23 4.76 25.04
C GLN B 199 8.94 3.68 24.03
N ARG B 200 9.72 2.60 24.08
CA ARG B 200 9.60 1.53 23.09
C ARG B 200 8.28 0.79 23.23
N LEU B 201 7.84 0.55 24.49
CA LEU B 201 6.55 -0.09 24.70
C LEU B 201 5.41 0.80 24.24
N LYS B 202 5.50 2.10 24.48
CA LYS B 202 4.46 3.01 23.98
C LYS B 202 4.33 2.91 22.48
N ALA B 203 5.46 2.89 21.76
CA ALA B 203 5.42 2.87 20.31
C ALA B 203 5.00 1.50 19.78
N LEU B 204 5.34 0.45 20.51
CA LEU B 204 4.94 -0.88 20.09
C LEU B 204 3.42 -1.10 20.30
N GLU B 205 2.83 -0.46 21.31
CA GLU B 205 1.39 -0.48 21.46
C GLU B 205 0.70 0.24 20.31
N VAL B 206 1.16 1.46 19.98
CA VAL B 206 0.69 2.19 18.81
C VAL B 206 0.77 1.31 17.56
N LEU B 207 1.95 0.73 17.32
CA LEU B 207 2.14 -0.12 16.16
C LEU B 207 1.18 -1.31 16.15
N THR B 208 0.98 -1.95 17.32
CA THR B 208 0.12 -3.13 17.38
C THR B 208 -1.35 -2.78 17.14
N HIS B 209 -1.82 -1.65 17.66
CA HIS B 209 -3.20 -1.26 17.38
C HIS B 209 -3.44 -1.05 15.89
N GLU B 210 -2.47 -0.47 15.17
CA GLU B 210 -2.64 -0.27 13.72
C GLU B 210 -2.69 -1.61 13.00
N HIS B 211 -1.66 -2.43 13.24
CA HIS B 211 -1.60 -3.82 12.86
C HIS B 211 -2.95 -4.55 12.98
N VAL B 212 -3.47 -4.61 14.22
CA VAL B 212 -4.70 -5.36 14.51
C VAL B 212 -5.88 -4.72 13.80
N HIS B 213 -5.88 -3.39 13.69
CA HIS B 213 -7.01 -2.74 13.04
C HIS B 213 -7.01 -3.02 11.53
N LEU B 214 -5.83 -3.08 10.92
CA LEU B 214 -5.75 -3.39 9.49
C LEU B 214 -6.27 -4.78 9.22
N GLU B 215 -5.92 -5.75 10.07
CA GLU B 215 -6.41 -7.11 9.85
C GLU B 215 -7.90 -7.22 10.12
N ASN B 216 -8.33 -6.72 11.28
CA ASN B 216 -9.72 -6.86 11.69
C ASN B 216 -10.67 -6.18 10.70
N HIS B 217 -10.35 -4.95 10.30
CA HIS B 217 -11.35 -4.13 9.62
C HIS B 217 -11.11 -3.98 8.12
N VAL B 218 -9.92 -4.31 7.62
CA VAL B 218 -9.67 -4.36 6.18
C VAL B 218 -9.54 -5.80 5.70
N LEU B 219 -8.55 -6.55 6.21
CA LEU B 219 -8.26 -7.86 5.65
C LEU B 219 -9.41 -8.85 5.87
N PHE B 220 -9.93 -8.95 7.10
CA PHE B 220 -10.96 -9.95 7.37
C PHE B 220 -12.29 -9.60 6.71
N LYS B 221 -12.50 -8.34 6.34
CA LYS B 221 -13.74 -7.97 5.66
C LYS B 221 -13.69 -8.22 4.15
N LYS B 222 -12.49 -8.43 3.58
CA LYS B 222 -12.38 -8.90 2.20
C LYS B 222 -12.90 -10.32 2.02
N VAL B 223 -12.94 -11.13 3.09
CA VAL B 223 -13.31 -12.54 2.98
C VAL B 223 -14.50 -12.90 3.85
N SER B 224 -15.17 -11.92 4.46
CA SER B 224 -16.39 -12.19 5.23
C SER B 224 -17.32 -10.99 5.15
FE FE C . 1.53 1.35 -15.87
FE FE D . 4.11 2.22 -17.02
O O E . 2.48 3.56 -17.00
FE FE F . -0.82 -10.14 12.33
FE FE G . -3.19 -11.09 13.73
O O H . -1.68 -9.97 14.69
#